data_8AQM
#
_entry.id   8AQM
#
_cell.length_a   61.060
_cell.length_b   94.530
_cell.length_c   114.840
_cell.angle_alpha   90.000
_cell.angle_beta   90.000
_cell.angle_gamma   90.000
#
_symmetry.space_group_name_H-M   'P 21 21 21'
#
loop_
_entity.id
_entity.type
_entity.pdbx_description
1 polymer 'Peroxisome proliferator-activated receptor gamma'
2 polymer 'Nuclear receptor corepressor 2'
3 non-polymer 2-chloranyl-~{N}-[2-(3-methylphenyl)-1,3-benzoxazol-5-yl]-5-nitro-benzamide
4 water water
#
loop_
_entity_poly.entity_id
_entity_poly.type
_entity_poly.pdbx_seq_one_letter_code
_entity_poly.pdbx_strand_id
1 'polypeptide(L)'
;GSHMQLNPESADLRALAKHLYDSYIKSFPLTKAKARAILTGKTTDKSPFVIYDMNSLMMGEDKIKFKHITPLQEQSKEVA
IRIFQGCQFRSVEAVQEITEYAKSIPGFVNLDLNDQVTLLKYGVHEIIYTMLASLMNKDGVLISEGQGFMTREFLKSLRK
PFGDFMEPKFEFAVKFNALELDDSDLAIFIAVIILSGDRPGLLNVKPIEDIQDNLLQALELQLKLNHPESSQLFAKLLQK
MTDLRQIVTEHVQLLQVIKKTETDMSLHPLLQEIYKDLY
;
A,B
2 'polypeptide(L)' HASTNMGLEAIIRKALMGKYDQW C,D
#
# COMPACT_ATOMS: atom_id res chain seq x y z
N MET A 4 -20.66 -20.10 7.86
CA MET A 4 -19.48 -20.24 8.81
C MET A 4 -19.85 -21.22 9.94
N GLN A 5 -18.92 -22.12 10.26
CA GLN A 5 -19.21 -23.21 11.16
C GLN A 5 -18.09 -23.33 12.21
N LEU A 6 -18.45 -23.89 13.35
CA LEU A 6 -17.50 -24.20 14.38
C LEU A 6 -16.93 -25.60 14.12
N ASN A 7 -15.62 -25.68 13.82
CA ASN A 7 -15.00 -26.92 13.39
C ASN A 7 -13.52 -26.93 13.78
N PRO A 8 -12.78 -28.02 13.53
CA PRO A 8 -11.34 -28.06 13.85
C PRO A 8 -10.56 -26.86 13.28
N GLU A 9 -10.88 -26.47 12.05
CA GLU A 9 -10.25 -25.32 11.35
C GLU A 9 -10.41 -24.06 12.23
N SER A 10 -11.67 -23.67 12.49
CA SER A 10 -11.98 -22.47 13.25
C SER A 10 -11.37 -22.55 14.67
N ALA A 11 -11.44 -23.71 15.33
CA ALA A 11 -10.86 -23.86 16.66
C ALA A 11 -9.33 -23.62 16.59
N ASP A 12 -8.66 -24.12 15.55
CA ASP A 12 -7.21 -23.92 15.43
C ASP A 12 -6.93 -22.43 15.25
N LEU A 13 -7.81 -21.73 14.53
CA LEU A 13 -7.68 -20.29 14.28
C LEU A 13 -7.92 -19.49 15.57
N ARG A 14 -8.88 -19.93 16.40
CA ARG A 14 -9.13 -19.23 17.68
C ARG A 14 -7.94 -19.50 18.62
N ALA A 15 -7.32 -20.68 18.50
CA ALA A 15 -6.14 -21.07 19.33
C ALA A 15 -4.92 -20.23 18.93
N LEU A 16 -4.76 -19.96 17.64
CA LEU A 16 -3.67 -19.07 17.15
C LEU A 16 -3.87 -17.65 17.71
N ALA A 17 -5.10 -17.14 17.62
CA ALA A 17 -5.47 -15.81 18.08
C ALA A 17 -5.11 -15.63 19.55
N LYS A 18 -5.46 -16.64 20.34
CA LYS A 18 -5.16 -16.68 21.78
C LYS A 18 -3.65 -16.71 22.01
N HIS A 19 -2.95 -17.60 21.30
CA HIS A 19 -1.50 -17.71 21.42
C HIS A 19 -0.85 -16.36 21.15
N LEU A 20 -1.25 -15.70 20.06
CA LEU A 20 -0.76 -14.39 19.68
C LEU A 20 -1.17 -13.33 20.71
N TYR A 21 -2.42 -13.34 21.19
CA TYR A 21 -2.82 -12.35 22.24
C TYR A 21 -1.90 -12.50 23.48
N ASP A 22 -1.63 -13.72 23.92
CA ASP A 22 -0.82 -13.97 25.14
C ASP A 22 0.60 -13.44 24.89
N SER A 23 1.18 -13.73 23.72
CA SER A 23 2.55 -13.31 23.45
C SER A 23 2.62 -11.80 23.27
N TYR A 24 1.54 -11.19 22.77
CA TYR A 24 1.44 -9.75 22.67
C TYR A 24 1.50 -9.16 24.08
N ILE A 25 0.71 -9.72 25.01
CA ILE A 25 0.66 -9.19 26.37
C ILE A 25 2.02 -9.29 27.06
N LYS A 26 2.75 -10.39 26.88
CA LYS A 26 4.09 -10.54 27.43
C LYS A 26 5.07 -9.54 26.80
N SER A 27 4.86 -9.19 25.53
CA SER A 27 5.90 -8.53 24.73
C SER A 27 5.77 -7.01 24.86
N PHE A 28 4.53 -6.52 24.98
CA PHE A 28 4.25 -5.10 24.95
C PHE A 28 3.67 -4.65 26.29
N PRO A 29 4.44 -3.92 27.10
CA PRO A 29 3.95 -3.47 28.39
C PRO A 29 2.84 -2.42 28.23
N LEU A 30 3.01 -1.49 27.29
CA LEU A 30 1.98 -0.47 27.04
C LEU A 30 1.00 -1.00 26.00
N THR A 31 -0.14 -1.53 26.46
CA THR A 31 -1.20 -1.95 25.58
C THR A 31 -2.11 -0.78 25.24
N LYS A 32 -2.95 -1.01 24.23
CA LYS A 32 -3.97 -0.07 23.84
C LYS A 32 -4.96 0.12 25.01
N ALA A 33 -5.32 -0.96 25.72
CA ALA A 33 -6.28 -0.81 26.87
C ALA A 33 -5.73 0.19 27.90
N LYS A 34 -4.45 0.07 28.23
CA LYS A 34 -3.77 0.91 29.21
C LYS A 34 -3.69 2.36 28.70
N ALA A 35 -3.34 2.55 27.41
CA ALA A 35 -3.26 3.87 26.80
C ALA A 35 -4.62 4.55 26.87
N ARG A 36 -5.67 3.83 26.51
CA ARG A 36 -6.99 4.39 26.47
C ARG A 36 -7.42 4.81 27.88
N ALA A 37 -7.00 4.05 28.89
CA ALA A 37 -7.37 4.30 30.25
C ALA A 37 -6.77 5.64 30.72
N ILE A 38 -5.48 5.86 30.42
CA ILE A 38 -4.78 7.11 30.68
C ILE A 38 -5.50 8.29 30.01
N LEU A 39 -5.85 8.14 28.73
CA LEU A 39 -6.51 9.20 27.95
C LEU A 39 -7.92 9.53 28.47
N THR A 40 -8.57 8.62 29.20
CA THR A 40 -9.92 8.88 29.71
C THR A 40 -9.87 9.21 31.21
N GLY A 41 -8.66 9.33 31.78
CA GLY A 41 -8.43 9.76 33.15
C GLY A 41 -8.79 8.72 34.22
N LYS A 42 -8.66 7.43 33.93
CA LYS A 42 -8.93 6.38 34.93
C LYS A 42 -7.70 6.19 35.85
N THR A 43 -6.50 6.17 35.24
CA THR A 43 -5.27 5.84 35.94
C THR A 43 -4.89 7.02 36.86
N THR A 44 -5.20 6.89 38.16
CA THR A 44 -4.77 7.84 39.23
C THR A 44 -3.25 8.04 39.14
N ASP A 45 -2.57 6.89 39.07
CA ASP A 45 -1.12 6.73 38.89
C ASP A 45 -0.58 7.72 37.84
N LYS A 46 -1.19 7.80 36.65
CA LYS A 46 -0.69 8.65 35.55
C LYS A 46 -1.78 9.63 35.11
N SER A 47 -1.68 10.86 35.61
CA SER A 47 -2.51 11.99 35.19
C SER A 47 -1.64 12.99 34.43
N PRO A 48 -1.55 12.88 33.08
CA PRO A 48 -0.53 13.63 32.34
C PRO A 48 -0.73 15.15 32.36
N PHE A 49 0.39 15.88 32.44
CA PHE A 49 0.42 17.30 32.20
C PHE A 49 0.16 17.49 30.70
N VAL A 50 -0.66 18.49 30.37
CA VAL A 50 -1.04 18.78 29.02
C VAL A 50 -0.22 19.97 28.54
N ILE A 51 0.55 19.77 27.47
CA ILE A 51 1.26 20.83 26.83
C ILE A 51 0.48 21.26 25.59
N TYR A 52 -0.08 22.47 25.64
CA TYR A 52 -0.97 22.98 24.60
C TYR A 52 -0.52 24.31 23.98
N ASP A 53 0.60 24.87 24.44
CA ASP A 53 1.08 26.17 24.00
C ASP A 53 2.44 26.43 24.64
N MET A 54 3.10 27.52 24.23
CA MET A 54 4.47 27.77 24.66
C MET A 54 4.53 27.91 26.19
N ASN A 55 3.51 28.55 26.79
CA ASN A 55 3.56 28.84 28.22
C ASN A 55 3.51 27.52 29.01
N SER A 56 2.58 26.62 28.63
CA SER A 56 2.43 25.32 29.31
C SER A 56 3.68 24.45 29.07
N LEU A 57 4.38 24.70 27.96
CA LEU A 57 5.62 24.00 27.64
C LEU A 57 6.66 24.33 28.71
N MET A 58 6.81 25.61 29.06
CA MET A 58 7.78 26.08 30.11
C MET A 58 7.42 25.52 31.49
N MET A 59 6.17 25.72 31.94
CA MET A 59 5.66 25.18 33.22
C MET A 59 6.00 23.68 33.35
N GLY A 60 5.85 22.94 32.25
CA GLY A 60 5.85 21.46 32.19
C GLY A 60 7.17 20.81 32.60
N GLU A 61 8.29 21.53 32.43
CA GLU A 61 9.61 21.11 32.93
C GLU A 61 9.91 21.87 34.23
N GLU A 78 21.64 20.35 11.83
CA GLU A 78 20.20 20.24 11.56
C GLU A 78 19.47 19.74 12.82
N VAL A 79 18.45 20.49 13.20
CA VAL A 79 17.67 20.18 14.38
C VAL A 79 16.86 18.92 14.07
N ALA A 80 16.41 18.81 12.82
CA ALA A 80 15.60 17.71 12.36
C ALA A 80 16.38 16.41 12.43
N ILE A 81 17.57 16.40 11.83
CA ILE A 81 18.38 15.19 11.74
C ILE A 81 18.67 14.69 13.15
N ARG A 82 18.87 15.64 14.06
CA ARG A 82 19.18 15.36 15.45
C ARG A 82 17.93 14.74 16.11
N ILE A 83 16.75 15.28 15.84
CA ILE A 83 15.51 14.66 16.32
C ILE A 83 15.45 13.21 15.84
N PHE A 84 15.71 13.00 14.54
CA PHE A 84 15.54 11.72 13.94
C PHE A 84 16.55 10.73 14.54
N GLN A 85 17.81 11.14 14.63
CA GLN A 85 18.84 10.34 15.27
C GLN A 85 18.34 9.89 16.64
N GLY A 86 17.75 10.86 17.35
CA GLY A 86 17.18 10.64 18.69
C GLY A 86 16.09 9.57 18.73
N CYS A 87 15.01 9.81 17.97
CA CYS A 87 13.84 8.91 18.05
C CYS A 87 14.23 7.52 17.55
N GLN A 88 15.12 7.48 16.55
CA GLN A 88 15.51 6.22 15.97
C GLN A 88 16.21 5.40 17.04
N PHE A 89 17.12 6.03 17.80
CA PHE A 89 17.79 5.29 18.85
C PHE A 89 16.81 4.95 19.99
N ARG A 90 15.88 5.85 20.31
CA ARG A 90 14.89 5.54 21.35
C ARG A 90 13.93 4.42 20.92
N SER A 91 13.80 4.15 19.61
CA SER A 91 12.91 3.09 19.09
C SER A 91 13.41 1.70 19.49
N VAL A 92 14.65 1.62 20.01
CA VAL A 92 15.36 0.36 20.14
C VAL A 92 14.54 -0.60 21.03
N GLU A 93 13.95 -0.07 22.11
CA GLU A 93 13.09 -0.84 23.03
C GLU A 93 11.91 -1.42 22.25
N ALA A 94 11.19 -0.59 21.49
CA ALA A 94 10.07 -1.07 20.68
C ALA A 94 10.53 -2.19 19.72
N VAL A 95 11.65 -1.96 19.04
CA VAL A 95 12.20 -2.89 18.06
C VAL A 95 12.44 -4.27 18.73
N GLN A 96 13.01 -4.24 19.95
CA GLN A 96 13.27 -5.45 20.75
C GLN A 96 11.96 -6.15 21.14
N GLU A 97 10.95 -5.37 21.52
CA GLU A 97 9.64 -5.94 21.89
C GLU A 97 9.00 -6.61 20.67
N ILE A 98 9.03 -5.94 19.51
CA ILE A 98 8.40 -6.47 18.29
C ILE A 98 9.17 -7.72 17.84
N THR A 99 10.50 -7.69 18.00
CA THR A 99 11.33 -8.82 17.59
C THR A 99 10.98 -10.03 18.43
N GLU A 100 10.81 -9.80 19.75
CA GLU A 100 10.42 -10.85 20.68
C GLU A 100 9.02 -11.37 20.31
N TYR A 101 8.13 -10.44 19.92
CA TYR A 101 6.78 -10.81 19.52
C TYR A 101 6.81 -11.70 18.28
N ALA A 102 7.69 -11.38 17.34
CA ALA A 102 7.83 -12.11 16.08
C ALA A 102 8.27 -13.55 16.34
N LYS A 103 9.14 -13.75 17.34
CA LYS A 103 9.67 -15.09 17.64
C LYS A 103 8.51 -16.00 18.03
N SER A 104 7.43 -15.43 18.56
CA SER A 104 6.27 -16.20 19.00
C SER A 104 5.31 -16.54 17.84
N ILE A 105 5.48 -15.96 16.66
CA ILE A 105 4.58 -16.31 15.52
C ILE A 105 4.98 -17.69 14.97
N PRO A 106 4.07 -18.69 14.95
CA PRO A 106 4.41 -20.02 14.45
C PRO A 106 4.97 -19.97 13.03
N GLY A 107 6.21 -20.48 12.90
CA GLY A 107 6.93 -20.65 11.64
C GLY A 107 8.03 -19.61 11.47
N PHE A 108 7.91 -18.49 12.21
CA PHE A 108 8.77 -17.31 11.95
C PHE A 108 10.26 -17.69 12.15
N VAL A 109 10.59 -18.42 13.23
CA VAL A 109 12.03 -18.74 13.54
C VAL A 109 12.54 -19.87 12.65
N ASN A 110 11.65 -20.54 11.92
CA ASN A 110 12.02 -21.57 10.97
C ASN A 110 12.40 -20.96 9.61
N LEU A 111 12.10 -19.65 9.42
CA LEU A 111 12.45 -18.95 8.17
C LEU A 111 13.96 -18.69 8.17
N ASP A 112 14.52 -18.54 6.97
CA ASP A 112 15.91 -18.12 6.77
C ASP A 112 16.16 -16.88 7.64
N LEU A 113 17.33 -16.82 8.28
CA LEU A 113 17.60 -15.75 9.25
C LEU A 113 17.53 -14.39 8.55
N ASN A 114 18.04 -14.29 7.33
CA ASN A 114 18.13 -13.00 6.62
C ASN A 114 16.71 -12.45 6.36
N ASP A 115 15.76 -13.36 6.12
CA ASP A 115 14.40 -12.99 5.86
C ASP A 115 13.74 -12.51 7.16
N GLN A 116 14.04 -13.20 8.26
CA GLN A 116 13.56 -12.81 9.56
C GLN A 116 13.92 -11.35 9.76
N VAL A 117 15.20 -11.05 9.53
CA VAL A 117 15.76 -9.71 9.71
C VAL A 117 15.11 -8.73 8.73
N THR A 118 15.04 -9.10 7.45
CA THR A 118 14.36 -8.25 6.45
C THR A 118 12.89 -7.92 6.86
N LEU A 119 12.16 -8.91 7.36
CA LEU A 119 10.73 -8.71 7.72
C LEU A 119 10.58 -7.69 8.86
N LEU A 120 11.48 -7.75 9.83
CA LEU A 120 11.45 -6.88 10.98
C LEU A 120 11.95 -5.49 10.63
N LYS A 121 12.93 -5.42 9.72
CA LYS A 121 13.58 -4.18 9.34
C LYS A 121 12.57 -3.20 8.72
N TYR A 122 11.66 -3.77 7.93
CA TYR A 122 10.64 -3.05 7.22
C TYR A 122 9.40 -2.89 8.12
N GLY A 123 9.06 -3.96 8.87
CA GLY A 123 7.79 -4.08 9.60
C GLY A 123 7.73 -3.20 10.84
N VAL A 124 8.86 -3.01 11.54
CA VAL A 124 8.82 -2.38 12.85
C VAL A 124 8.27 -0.96 12.73
N HIS A 125 8.56 -0.28 11.62
CA HIS A 125 8.17 1.12 11.46
C HIS A 125 6.65 1.21 11.42
N GLU A 126 6.06 0.26 10.72
CA GLU A 126 4.60 0.13 10.53
C GLU A 126 3.96 -0.20 11.87
N ILE A 127 4.64 -1.03 12.66
CA ILE A 127 4.08 -1.45 13.92
C ILE A 127 4.18 -0.30 14.93
N ILE A 128 5.30 0.44 14.87
CA ILE A 128 5.45 1.58 15.73
C ILE A 128 4.31 2.56 15.45
N TYR A 129 4.03 2.91 14.18
CA TYR A 129 2.93 3.83 13.87
C TYR A 129 1.59 3.24 14.32
N THR A 130 1.40 1.93 14.16
CA THR A 130 0.17 1.28 14.64
C THR A 130 -0.01 1.48 16.15
N MET A 131 1.06 1.31 16.92
CA MET A 131 0.97 1.42 18.36
C MET A 131 1.04 2.89 18.81
N LEU A 132 1.57 3.77 17.96
CA LEU A 132 1.50 5.18 18.20
C LEU A 132 0.05 5.67 18.18
N ALA A 133 -0.80 5.07 17.33
CA ALA A 133 -2.19 5.46 17.23
C ALA A 133 -2.91 5.28 18.58
N SER A 134 -2.48 4.27 19.35
CA SER A 134 -3.09 3.92 20.66
C SER A 134 -2.91 5.07 21.67
N LEU A 135 -1.83 5.84 21.49
CA LEU A 135 -1.44 6.94 22.38
C LEU A 135 -2.05 8.28 21.93
N MET A 136 -2.78 8.27 20.81
CA MET A 136 -3.37 9.49 20.22
C MET A 136 -4.91 9.50 20.30
N ASN A 137 -5.47 10.71 20.49
CA ASN A 137 -6.87 10.97 20.14
C ASN A 137 -6.86 12.20 19.25
N LYS A 138 -8.04 12.77 18.99
CA LYS A 138 -8.14 13.94 18.08
C LYS A 138 -7.41 15.17 18.67
N ASP A 139 -7.26 15.24 20.00
CA ASP A 139 -6.71 16.39 20.70
C ASP A 139 -5.18 16.31 20.80
N GLY A 140 -4.61 15.10 20.86
CA GLY A 140 -3.16 14.99 21.01
C GLY A 140 -2.65 13.58 21.27
N VAL A 141 -1.44 13.52 21.84
CA VAL A 141 -0.66 12.29 21.94
C VAL A 141 0.06 12.24 23.30
N LEU A 142 0.08 11.06 23.92
CA LEU A 142 0.82 10.85 25.15
C LEU A 142 2.33 10.81 24.87
N ILE A 143 3.10 11.45 25.75
CA ILE A 143 4.58 11.51 25.69
C ILE A 143 5.15 11.15 27.08
N SER A 144 6.48 11.11 27.23
CA SER A 144 7.20 10.69 28.48
C SER A 144 6.49 9.50 29.13
N GLU A 145 6.30 8.46 28.35
CA GLU A 145 5.61 7.27 28.87
C GLU A 145 4.49 7.68 29.82
N GLY A 146 3.37 8.18 29.27
CA GLY A 146 2.11 8.38 29.97
C GLY A 146 2.05 9.63 30.83
N GLN A 147 3.12 10.43 30.88
CA GLN A 147 3.27 11.50 31.91
C GLN A 147 2.93 12.87 31.32
N GLY A 148 3.04 13.01 29.99
CA GLY A 148 2.72 14.22 29.28
C GLY A 148 1.75 13.97 28.15
N PHE A 149 1.05 15.04 27.76
CA PHE A 149 0.13 15.01 26.69
C PHE A 149 0.35 16.26 25.82
N MET A 150 0.88 16.03 24.62
CA MET A 150 1.14 17.06 23.66
C MET A 150 -0.06 17.21 22.71
N THR A 151 -0.64 18.40 22.62
CA THR A 151 -1.79 18.62 21.77
C THR A 151 -1.38 18.69 20.30
N ARG A 152 -2.33 18.22 19.48
CA ARG A 152 -2.18 18.12 18.05
C ARG A 152 -1.97 19.50 17.41
N GLU A 153 -2.79 20.48 17.82
CA GLU A 153 -2.78 21.80 17.22
C GLU A 153 -1.53 22.59 17.66
N PHE A 154 -1.05 22.36 18.88
CA PHE A 154 0.24 22.93 19.25
C PHE A 154 1.31 22.39 18.28
N LEU A 155 1.42 21.07 18.12
CA LEU A 155 2.43 20.51 17.21
C LEU A 155 2.31 21.15 15.82
N LYS A 156 1.08 21.31 15.35
CA LYS A 156 0.79 21.82 14.01
C LYS A 156 1.17 23.30 13.92
N SER A 157 1.14 24.02 15.06
CA SER A 157 1.44 25.45 15.11
C SER A 157 2.94 25.74 14.88
N LEU A 158 3.81 24.76 15.15
CA LEU A 158 5.26 25.01 15.13
C LEU A 158 5.74 25.40 13.73
N ARG A 159 6.92 26.05 13.65
CA ARG A 159 7.46 26.59 12.36
C ARG A 159 7.86 25.44 11.43
N LYS A 160 7.76 25.67 10.11
CA LYS A 160 8.15 24.68 9.11
C LYS A 160 9.64 24.36 9.24
N PRO A 161 10.02 23.12 8.95
CA PRO A 161 9.12 22.01 8.63
C PRO A 161 8.46 21.25 9.80
N PHE A 162 8.83 21.56 11.04
CA PHE A 162 8.43 20.78 12.22
C PHE A 162 6.89 20.62 12.35
N GLY A 163 6.15 21.69 12.06
CA GLY A 163 4.69 21.68 12.15
C GLY A 163 4.03 20.62 11.29
N ASP A 164 4.69 20.16 10.23
CA ASP A 164 4.15 19.17 9.27
C ASP A 164 4.55 17.73 9.64
N PHE A 165 5.40 17.55 10.64
CA PHE A 165 5.92 16.24 11.08
C PHE A 165 4.81 15.28 11.53
N MET A 166 4.01 15.66 12.54
CA MET A 166 3.09 14.73 13.20
C MET A 166 1.67 14.72 12.60
N GLU A 167 1.34 15.74 11.80
CA GLU A 167 -0.06 15.94 11.45
C GLU A 167 -0.59 14.76 10.64
N PRO A 168 0.17 14.16 9.70
CA PRO A 168 -0.30 13.00 8.94
C PRO A 168 -0.48 11.72 9.76
N LYS A 169 0.26 11.58 10.87
CA LYS A 169 0.09 10.47 11.77
C LYS A 169 -1.22 10.63 12.58
N PHE A 170 -1.58 11.85 12.94
CA PHE A 170 -2.86 12.10 13.63
C PHE A 170 -4.03 11.76 12.69
N GLU A 171 -3.89 12.13 11.42
CA GLU A 171 -4.89 11.89 10.38
C GLU A 171 -5.06 10.38 10.24
N PHE A 172 -3.94 9.65 10.21
CA PHE A 172 -4.01 8.20 10.13
C PHE A 172 -4.66 7.66 11.40
N ALA A 173 -4.19 8.18 12.55
CA ALA A 173 -4.59 7.64 13.87
C ALA A 173 -6.09 7.86 14.11
N VAL A 174 -6.63 9.00 13.70
CA VAL A 174 -8.05 9.21 13.94
C VAL A 174 -8.88 8.19 13.14
N LYS A 175 -8.49 7.95 11.88
CA LYS A 175 -9.20 7.03 10.98
C LYS A 175 -9.01 5.61 11.50
N PHE A 176 -7.78 5.28 11.94
CA PHE A 176 -7.49 3.95 12.45
C PHE A 176 -8.26 3.66 13.75
N ASN A 177 -8.25 4.61 14.69
CA ASN A 177 -8.88 4.44 16.01
C ASN A 177 -10.40 4.37 15.89
N ALA A 178 -10.95 4.94 14.82
CA ALA A 178 -12.40 4.89 14.59
C ALA A 178 -12.86 3.47 14.26
N LEU A 179 -11.93 2.57 13.87
CA LEU A 179 -12.22 1.13 13.65
C LEU A 179 -12.42 0.40 14.99
N GLU A 180 -11.89 0.97 16.07
CA GLU A 180 -12.17 0.50 17.42
C GLU A 180 -11.65 -0.93 17.65
N LEU A 181 -10.42 -1.19 17.20
CA LEU A 181 -9.77 -2.44 17.41
C LEU A 181 -9.37 -2.50 18.89
N ASP A 182 -9.32 -3.71 19.43
CA ASP A 182 -8.85 -3.96 20.77
C ASP A 182 -7.52 -4.70 20.64
N ASP A 183 -6.89 -5.02 21.76
CA ASP A 183 -5.56 -5.62 21.76
C ASP A 183 -5.60 -7.01 21.09
N SER A 184 -6.70 -7.75 21.33
CA SER A 184 -6.90 -9.06 20.71
C SER A 184 -6.80 -8.96 19.18
N ASP A 185 -7.45 -7.94 18.61
CA ASP A 185 -7.47 -7.65 17.18
C ASP A 185 -6.04 -7.25 16.74
N LEU A 186 -5.43 -6.35 17.50
CA LEU A 186 -4.19 -5.74 17.12
C LEU A 186 -3.07 -6.78 17.05
N ALA A 187 -3.09 -7.77 17.95
CA ALA A 187 -2.07 -8.81 17.97
C ALA A 187 -2.05 -9.61 16.66
N ILE A 188 -3.21 -9.85 16.06
CA ILE A 188 -3.21 -10.59 14.81
C ILE A 188 -2.78 -9.64 13.66
N PHE A 189 -3.33 -8.43 13.62
CA PHE A 189 -2.99 -7.41 12.64
C PHE A 189 -1.47 -7.20 12.52
N ILE A 190 -0.82 -7.01 13.66
CA ILE A 190 0.63 -6.77 13.75
C ILE A 190 1.42 -7.96 13.19
N ALA A 191 0.95 -9.17 13.49
CA ALA A 191 1.56 -10.38 12.96
C ALA A 191 1.42 -10.41 11.44
N VAL A 192 0.27 -9.97 10.92
CA VAL A 192 0.04 -9.95 9.46
C VAL A 192 1.03 -9.01 8.78
N ILE A 193 1.22 -7.83 9.39
CA ILE A 193 2.16 -6.85 8.93
C ILE A 193 3.57 -7.46 8.88
N ILE A 194 4.01 -8.09 9.98
CA ILE A 194 5.35 -8.68 10.02
C ILE A 194 5.54 -9.67 8.86
N LEU A 195 4.50 -10.46 8.54
CA LEU A 195 4.65 -11.49 7.53
C LEU A 195 4.17 -11.05 6.15
N SER A 196 4.77 -9.99 5.64
CA SER A 196 4.51 -9.46 4.30
C SER A 196 5.52 -10.02 3.29
N GLY A 197 5.02 -10.66 2.24
CA GLY A 197 5.82 -11.38 1.26
C GLY A 197 6.39 -10.46 0.18
N ASP A 198 6.05 -9.18 0.26
CA ASP A 198 6.43 -8.19 -0.72
C ASP A 198 7.62 -7.33 -0.23
N ARG A 199 8.24 -7.66 0.92
CA ARG A 199 9.32 -6.77 1.36
C ARG A 199 10.51 -6.90 0.40
N PRO A 200 11.20 -5.80 0.04
CA PRO A 200 12.40 -5.87 -0.79
C PRO A 200 13.44 -6.83 -0.25
N GLY A 201 13.95 -7.69 -1.13
CA GLY A 201 15.14 -8.50 -0.86
C GLY A 201 14.82 -9.81 -0.17
N LEU A 202 13.54 -10.18 -0.01
CA LEU A 202 13.25 -11.48 0.65
C LEU A 202 13.78 -12.57 -0.28
N LEU A 203 14.33 -13.63 0.31
CA LEU A 203 14.86 -14.80 -0.41
C LEU A 203 13.78 -15.85 -0.71
N ASN A 204 12.98 -16.22 0.29
CA ASN A 204 11.99 -17.31 0.17
C ASN A 204 10.60 -16.78 0.51
N VAL A 205 9.96 -16.24 -0.50
CA VAL A 205 8.68 -15.57 -0.37
C VAL A 205 7.58 -16.56 0.05
N LYS A 206 7.67 -17.80 -0.41
CA LYS A 206 6.56 -18.73 -0.29
C LYS A 206 6.27 -19.08 1.17
N PRO A 207 7.26 -19.52 1.99
CA PRO A 207 6.98 -19.89 3.37
C PRO A 207 6.44 -18.71 4.22
N ILE A 208 6.79 -17.47 3.84
CA ILE A 208 6.27 -16.27 4.50
C ILE A 208 4.77 -16.12 4.18
N GLU A 209 4.42 -16.22 2.90
CA GLU A 209 3.03 -16.20 2.44
C GLU A 209 2.21 -17.32 3.09
N ASP A 210 2.81 -18.49 3.28
CA ASP A 210 2.11 -19.61 3.92
C ASP A 210 1.65 -19.19 5.33
N ILE A 211 2.58 -18.62 6.11
CA ILE A 211 2.28 -18.12 7.45
C ILE A 211 1.25 -16.97 7.36
N GLN A 212 1.42 -16.04 6.42
CA GLN A 212 0.53 -14.88 6.35
C GLN A 212 -0.91 -15.31 6.05
N ASP A 213 -1.06 -16.33 5.18
CA ASP A 213 -2.37 -16.91 4.80
C ASP A 213 -3.09 -17.35 6.08
N ASN A 214 -2.36 -18.07 6.94
CA ASN A 214 -2.90 -18.60 8.20
C ASN A 214 -3.30 -17.44 9.15
N LEU A 215 -2.40 -16.47 9.36
CA LEU A 215 -2.69 -15.28 10.14
C LEU A 215 -3.88 -14.49 9.55
N LEU A 216 -3.99 -14.38 8.22
CA LEU A 216 -5.10 -13.63 7.61
C LEU A 216 -6.43 -14.32 7.95
N GLN A 217 -6.44 -15.66 7.87
CA GLN A 217 -7.64 -16.46 8.24
C GLN A 217 -8.00 -16.19 9.70
N ALA A 218 -7.00 -16.15 10.57
CA ALA A 218 -7.24 -15.93 11.98
C ALA A 218 -7.81 -14.53 12.18
N LEU A 219 -7.26 -13.56 11.45
CA LEU A 219 -7.72 -12.16 11.58
C LEU A 219 -9.18 -12.04 11.11
N GLU A 220 -9.51 -12.69 10.00
CA GLU A 220 -10.84 -12.59 9.41
C GLU A 220 -11.88 -13.15 10.40
N LEU A 221 -11.60 -14.31 10.98
CA LEU A 221 -12.48 -14.90 12.00
C LEU A 221 -12.58 -13.96 13.22
N GLN A 222 -11.43 -13.47 13.67
CA GLN A 222 -11.39 -12.66 14.85
C GLN A 222 -12.36 -11.48 14.68
N LEU A 223 -12.32 -10.85 13.49
CA LEU A 223 -13.05 -9.61 13.24
C LEU A 223 -14.55 -9.84 13.14
N LYS A 224 -14.95 -10.93 12.48
CA LYS A 224 -16.34 -11.36 12.43
C LYS A 224 -16.86 -11.62 13.85
N LEU A 225 -16.07 -12.30 14.70
CA LEU A 225 -16.57 -12.63 16.06
C LEU A 225 -16.60 -11.39 16.94
N ASN A 226 -15.60 -10.49 16.79
CA ASN A 226 -15.40 -9.36 17.73
C ASN A 226 -16.09 -8.08 17.25
N HIS A 227 -16.43 -7.96 15.94
CA HIS A 227 -16.96 -6.71 15.42
C HIS A 227 -18.22 -6.95 14.58
N PRO A 228 -19.35 -7.32 15.21
CA PRO A 228 -20.62 -7.44 14.50
C PRO A 228 -21.17 -6.15 13.85
N GLU A 229 -20.78 -4.99 14.37
CA GLU A 229 -21.17 -3.68 13.80
C GLU A 229 -20.68 -3.44 12.35
N SER A 230 -19.52 -3.98 11.93
CA SER A 230 -18.93 -3.61 10.63
C SER A 230 -18.46 -4.84 9.85
N SER A 231 -19.23 -5.23 8.83
CA SER A 231 -18.98 -6.47 8.11
C SER A 231 -17.88 -6.31 7.04
N GLN A 232 -17.37 -5.09 6.74
CA GLN A 232 -16.16 -4.98 5.83
C GLN A 232 -14.90 -4.49 6.57
N LEU A 233 -14.88 -4.64 7.90
CA LEU A 233 -13.74 -4.25 8.74
C LEU A 233 -12.45 -4.91 8.25
N PHE A 234 -12.53 -6.19 7.85
CA PHE A 234 -11.37 -6.98 7.40
C PHE A 234 -10.67 -6.20 6.28
N ALA A 235 -11.40 -5.83 5.24
CA ALA A 235 -10.84 -5.09 4.08
C ALA A 235 -10.28 -3.72 4.48
N LYS A 236 -11.05 -2.97 5.28
CA LYS A 236 -10.68 -1.60 5.73
C LYS A 236 -9.39 -1.68 6.54
N LEU A 237 -9.19 -2.79 7.24
CA LEU A 237 -8.07 -2.91 8.11
C LEU A 237 -6.85 -3.26 7.25
N LEU A 238 -7.05 -4.07 6.21
CA LEU A 238 -5.97 -4.38 5.23
C LEU A 238 -5.58 -3.11 4.46
N GLN A 239 -6.55 -2.29 4.05
CA GLN A 239 -6.24 -1.02 3.38
C GLN A 239 -5.32 -0.17 4.26
N LYS A 240 -5.47 -0.28 5.58
CA LYS A 240 -4.67 0.54 6.51
C LYS A 240 -3.19 0.16 6.44
N MET A 241 -2.86 -1.00 5.88
CA MET A 241 -1.48 -1.39 5.72
C MET A 241 -0.85 -0.53 4.62
N THR A 242 -1.67 -0.17 3.63
CA THR A 242 -1.31 0.76 2.59
C THR A 242 -1.02 2.14 3.19
N ASP A 243 -1.91 2.59 4.09
CA ASP A 243 -1.73 3.88 4.72
C ASP A 243 -0.40 3.90 5.48
N LEU A 244 -0.14 2.81 6.23
CA LEU A 244 1.00 2.73 7.14
C LEU A 244 2.27 2.77 6.30
N ARG A 245 2.25 2.01 5.20
CA ARG A 245 3.37 1.96 4.25
C ARG A 245 3.66 3.38 3.71
N GLN A 246 2.60 4.15 3.47
CA GLN A 246 2.74 5.50 2.94
C GLN A 246 3.41 6.42 3.99
N ILE A 247 3.00 6.32 5.25
CA ILE A 247 3.59 7.18 6.29
C ILE A 247 5.08 6.88 6.44
N VAL A 248 5.44 5.59 6.38
CA VAL A 248 6.87 5.22 6.51
C VAL A 248 7.66 5.83 5.36
N THR A 249 7.12 5.66 4.14
CA THR A 249 7.72 6.11 2.86
C THR A 249 7.85 7.64 2.83
N GLU A 250 6.85 8.34 3.39
CA GLU A 250 6.87 9.80 3.46
C GLU A 250 8.04 10.30 4.31
N HIS A 251 8.55 9.50 5.22
CA HIS A 251 9.69 10.02 6.01
C HIS A 251 10.86 10.32 5.07
N VAL A 252 11.05 9.49 4.04
CA VAL A 252 12.16 9.66 3.10
C VAL A 252 12.01 11.00 2.33
N GLN A 253 10.77 11.37 2.03
CA GLN A 253 10.47 12.54 1.24
C GLN A 253 10.61 13.81 2.10
N LEU A 254 10.46 13.66 3.43
CA LEU A 254 10.61 14.74 4.41
C LEU A 254 12.09 15.07 4.62
N LEU A 255 12.97 14.09 4.39
CA LEU A 255 14.42 14.33 4.43
C LEU A 255 14.82 15.34 3.33
N GLN A 256 14.06 15.38 2.23
CA GLN A 256 14.35 16.25 1.06
C GLN A 256 13.78 17.66 1.29
N VAL A 257 12.49 17.75 1.62
CA VAL A 257 11.84 19.02 2.07
C VAL A 257 12.76 19.78 3.05
N ILE A 258 13.48 19.04 3.90
CA ILE A 258 14.30 19.62 4.98
C ILE A 258 15.59 20.25 4.42
N LYS A 259 16.18 19.63 3.37
CA LYS A 259 17.42 20.12 2.72
C LYS A 259 17.09 21.13 1.62
N MET A 265 14.93 28.18 11.26
CA MET A 265 14.62 26.76 11.46
C MET A 265 15.00 26.34 12.89
N SER A 266 15.29 27.29 13.77
CA SER A 266 15.62 26.98 15.18
C SER A 266 14.34 26.55 15.93
N LEU A 267 14.53 25.74 16.99
CA LEU A 267 13.41 25.13 17.69
C LEU A 267 13.76 24.95 19.16
N HIS A 268 12.81 25.32 20.02
CA HIS A 268 13.03 25.31 21.45
C HIS A 268 13.54 23.95 21.88
N PRO A 269 14.68 23.88 22.62
CA PRO A 269 15.21 22.62 23.16
C PRO A 269 14.23 21.64 23.81
N LEU A 270 13.13 22.14 24.38
CA LEU A 270 12.15 21.30 25.05
C LEU A 270 11.23 20.61 24.02
N LEU A 271 11.06 21.25 22.85
CA LEU A 271 10.29 20.71 21.75
C LEU A 271 11.12 19.66 21.01
N GLN A 272 12.41 19.94 20.83
CA GLN A 272 13.38 18.97 20.36
C GLN A 272 13.32 17.70 21.21
N GLU A 273 13.26 17.82 22.54
CA GLU A 273 13.29 16.66 23.45
C GLU A 273 11.99 15.85 23.28
N ILE A 274 10.87 16.56 23.15
CA ILE A 274 9.56 15.93 22.96
C ILE A 274 9.53 15.18 21.62
N TYR A 275 10.00 15.80 20.53
CA TYR A 275 9.96 15.16 19.22
C TYR A 275 10.75 13.84 19.24
N LYS A 276 11.81 13.76 20.08
CA LYS A 276 12.63 12.56 20.16
C LYS A 276 11.86 11.37 20.76
N ASP A 277 10.66 11.60 21.32
CA ASP A 277 9.77 10.53 21.87
C ASP A 277 8.65 10.16 20.88
N LEU A 278 8.61 10.78 19.71
CA LEU A 278 7.61 10.48 18.68
C LEU A 278 8.28 9.71 17.52
N TYR A 279 7.64 9.69 16.35
CA TYR A 279 8.16 8.87 15.25
C TYR A 279 7.56 9.36 13.94
N ASN B 7 -26.64 -5.53 4.42
CA ASN B 7 -25.75 -5.89 3.27
C ASN B 7 -26.60 -6.13 2.03
N PRO B 8 -26.31 -5.48 0.87
CA PRO B 8 -26.97 -5.80 -0.39
C PRO B 8 -26.99 -7.32 -0.65
N GLU B 9 -28.08 -7.81 -1.26
CA GLU B 9 -28.22 -9.24 -1.55
C GLU B 9 -27.15 -9.61 -2.60
N SER B 10 -26.86 -10.91 -2.70
CA SER B 10 -25.80 -11.40 -3.57
C SER B 10 -26.19 -11.22 -5.04
N ALA B 11 -27.49 -11.15 -5.35
CA ALA B 11 -27.95 -10.91 -6.71
C ALA B 11 -27.60 -9.49 -7.17
N ASP B 12 -27.63 -8.50 -6.26
CA ASP B 12 -27.28 -7.11 -6.62
C ASP B 12 -25.75 -6.92 -6.71
N LEU B 13 -25.00 -7.75 -5.99
CA LEU B 13 -23.55 -7.63 -6.02
C LEU B 13 -23.06 -8.31 -7.30
N ARG B 14 -23.79 -9.35 -7.72
CA ARG B 14 -23.60 -10.04 -8.97
C ARG B 14 -23.98 -9.14 -10.16
N ALA B 15 -24.97 -8.26 -9.98
CA ALA B 15 -25.40 -7.31 -11.01
C ALA B 15 -24.42 -6.15 -11.09
N LEU B 16 -23.78 -5.79 -9.97
CA LEU B 16 -22.80 -4.74 -10.01
C LEU B 16 -21.59 -5.28 -10.79
N ALA B 17 -21.25 -6.54 -10.55
CA ALA B 17 -20.14 -7.18 -11.21
C ALA B 17 -20.41 -7.23 -12.71
N LYS B 18 -21.61 -7.64 -13.12
CA LYS B 18 -21.85 -7.80 -14.56
C LYS B 18 -21.84 -6.41 -15.22
N HIS B 19 -22.39 -5.42 -14.54
CA HIS B 19 -22.40 -4.05 -15.05
C HIS B 19 -20.95 -3.55 -15.25
N LEU B 20 -20.09 -3.79 -14.27
CA LEU B 20 -18.74 -3.29 -14.35
C LEU B 20 -17.98 -4.05 -15.44
N TYR B 21 -18.24 -5.33 -15.63
CA TYR B 21 -17.53 -6.12 -16.62
C TYR B 21 -17.88 -5.65 -18.03
N ASP B 22 -19.19 -5.48 -18.27
CA ASP B 22 -19.71 -5.03 -19.57
C ASP B 22 -19.07 -3.68 -19.91
N SER B 23 -18.96 -2.83 -18.91
CA SER B 23 -18.50 -1.48 -19.11
C SER B 23 -16.97 -1.48 -19.32
N TYR B 24 -16.28 -2.47 -18.76
CA TYR B 24 -14.82 -2.66 -18.96
C TYR B 24 -14.57 -3.08 -20.41
N ILE B 25 -15.35 -4.05 -20.88
CA ILE B 25 -15.29 -4.57 -22.24
C ILE B 25 -15.49 -3.43 -23.25
N LYS B 26 -16.35 -2.46 -22.92
CA LYS B 26 -16.65 -1.28 -23.75
C LYS B 26 -15.51 -0.25 -23.72
N SER B 27 -14.82 -0.10 -22.58
CA SER B 27 -13.89 1.02 -22.43
C SER B 27 -12.47 0.64 -22.85
N PHE B 28 -12.13 -0.65 -22.83
CA PHE B 28 -10.73 -1.10 -23.02
C PHE B 28 -10.63 -2.08 -24.17
N PRO B 29 -10.14 -1.66 -25.36
CA PRO B 29 -10.12 -2.53 -26.54
C PRO B 29 -9.25 -3.78 -26.33
N LEU B 30 -8.06 -3.62 -25.74
CA LEU B 30 -7.21 -4.73 -25.49
C LEU B 30 -7.45 -5.25 -24.06
N THR B 31 -8.12 -6.39 -23.96
CA THR B 31 -8.44 -7.07 -22.73
C THR B 31 -7.34 -8.08 -22.40
N LYS B 32 -7.36 -8.60 -21.15
CA LYS B 32 -6.35 -9.56 -20.70
C LYS B 32 -6.55 -10.86 -21.49
N ALA B 33 -7.81 -11.27 -21.67
CA ALA B 33 -8.17 -12.45 -22.53
C ALA B 33 -7.47 -12.34 -23.90
N LYS B 34 -7.60 -11.21 -24.60
CA LYS B 34 -6.98 -11.11 -25.94
C LYS B 34 -5.46 -11.12 -25.76
N ALA B 35 -4.96 -10.45 -24.72
CA ALA B 35 -3.53 -10.32 -24.50
C ALA B 35 -2.92 -11.72 -24.30
N ARG B 36 -3.51 -12.55 -23.44
CA ARG B 36 -3.01 -13.91 -23.19
C ARG B 36 -3.13 -14.78 -24.44
N ALA B 37 -4.23 -14.60 -25.19
CA ALA B 37 -4.40 -15.36 -26.42
C ALA B 37 -3.20 -15.08 -27.32
N ILE B 38 -2.82 -13.81 -27.45
CA ILE B 38 -1.65 -13.45 -28.24
C ILE B 38 -0.39 -14.08 -27.63
N LEU B 39 -0.17 -13.92 -26.31
CA LEU B 39 1.09 -14.38 -25.69
C LEU B 39 1.28 -15.90 -25.85
N THR B 40 0.20 -16.68 -25.89
CA THR B 40 0.26 -18.13 -25.85
C THR B 40 0.08 -18.75 -27.25
N GLY B 41 -0.02 -17.93 -28.30
CA GLY B 41 -0.13 -18.40 -29.67
C GLY B 41 -1.52 -18.90 -30.04
N LYS B 42 -2.55 -18.63 -29.21
CA LYS B 42 -3.86 -19.27 -29.40
C LYS B 42 -4.66 -18.56 -30.48
N THR B 43 -4.26 -17.35 -30.80
CA THR B 43 -4.92 -16.50 -31.76
C THR B 43 -4.68 -17.02 -33.19
N THR B 44 -5.51 -16.55 -34.12
CA THR B 44 -5.47 -17.00 -35.50
C THR B 44 -4.56 -16.10 -36.34
N ASP B 45 -4.37 -14.86 -35.90
CA ASP B 45 -3.46 -13.92 -36.57
C ASP B 45 -2.00 -14.39 -36.42
N LYS B 46 -1.13 -13.81 -37.23
CA LYS B 46 0.32 -14.06 -37.19
C LYS B 46 0.90 -13.63 -35.83
N SER B 47 1.93 -14.36 -35.41
CA SER B 47 2.66 -14.11 -34.18
C SER B 47 3.17 -12.67 -34.17
N PRO B 48 3.24 -12.03 -32.97
CA PRO B 48 3.80 -10.68 -32.89
C PRO B 48 5.25 -10.69 -33.44
N PHE B 49 5.68 -9.55 -34.01
CA PHE B 49 7.10 -9.37 -34.28
C PHE B 49 7.82 -9.31 -32.93
N VAL B 50 9.03 -9.87 -32.85
CA VAL B 50 9.78 -9.94 -31.63
C VAL B 50 11.01 -9.04 -31.72
N ILE B 51 11.18 -8.23 -30.67
CA ILE B 51 12.33 -7.40 -30.48
C ILE B 51 13.08 -8.01 -29.31
N TYR B 52 14.24 -8.58 -29.59
CA TYR B 52 14.99 -9.42 -28.67
C TYR B 52 16.48 -9.05 -28.64
N ASP B 53 16.93 -8.12 -29.50
CA ASP B 53 18.36 -7.86 -29.73
C ASP B 53 18.51 -6.69 -30.69
N MET B 54 19.75 -6.33 -31.03
CA MET B 54 20.03 -5.12 -31.80
C MET B 54 19.43 -5.21 -33.22
N ASN B 55 19.62 -6.36 -33.89
CA ASN B 55 19.06 -6.64 -35.24
C ASN B 55 17.53 -6.46 -35.29
N SER B 56 16.82 -7.10 -34.36
CA SER B 56 15.36 -7.07 -34.37
C SER B 56 14.88 -5.66 -34.01
N LEU B 57 15.53 -5.01 -33.04
CA LEU B 57 15.19 -3.63 -32.75
C LEU B 57 15.13 -2.83 -34.04
N MET B 58 16.23 -2.86 -34.82
CA MET B 58 16.37 -2.00 -36.00
C MET B 58 15.46 -2.52 -37.13
N MET B 59 15.27 -3.83 -37.20
CA MET B 59 14.33 -4.40 -38.14
C MET B 59 12.92 -3.88 -37.80
N GLY B 60 12.58 -3.81 -36.52
CA GLY B 60 11.23 -3.43 -36.06
C GLY B 60 11.05 -1.94 -35.83
N GLU B 61 12.10 -1.13 -36.02
CA GLU B 61 12.07 0.21 -35.46
C GLU B 61 10.85 0.98 -36.00
N ASP B 62 10.47 0.73 -37.26
CA ASP B 62 9.43 1.51 -37.97
C ASP B 62 8.02 1.26 -37.39
N LYS B 63 7.89 0.23 -36.53
CA LYS B 63 6.63 -0.10 -35.88
C LYS B 63 6.56 0.53 -34.47
N ILE B 64 7.69 1.05 -33.94
CA ILE B 64 7.76 1.59 -32.55
C ILE B 64 8.26 3.05 -32.51
N LYS B 65 8.31 3.74 -33.67
CA LYS B 65 8.90 5.10 -33.73
C LYS B 65 7.92 6.08 -33.08
N PHE B 66 8.48 7.00 -32.28
CA PHE B 66 7.71 8.04 -31.62
C PHE B 66 7.74 9.32 -32.48
N LYS B 67 6.57 9.94 -32.67
CA LYS B 67 6.35 11.03 -33.65
C LYS B 67 6.74 12.38 -33.03
N ILE B 81 14.46 12.85 -19.10
CA ILE B 81 13.01 12.74 -18.91
C ILE B 81 12.28 12.88 -20.26
N ARG B 82 13.04 13.19 -21.32
CA ARG B 82 12.53 13.08 -22.68
C ARG B 82 12.49 11.59 -23.08
N ILE B 83 13.28 10.73 -22.40
CA ILE B 83 13.26 9.29 -22.71
C ILE B 83 11.91 8.64 -22.39
N PHE B 84 11.13 9.21 -21.46
CA PHE B 84 9.79 8.69 -21.17
C PHE B 84 8.70 9.51 -21.89
N GLN B 85 9.10 10.36 -22.83
CA GLN B 85 8.16 11.26 -23.52
C GLN B 85 7.17 10.42 -24.35
N GLY B 86 7.69 9.40 -25.03
CA GLY B 86 6.88 8.42 -25.78
C GLY B 86 5.79 7.79 -24.91
N CYS B 87 6.21 7.21 -23.78
CA CYS B 87 5.26 6.52 -22.93
C CYS B 87 4.23 7.52 -22.37
N GLN B 88 4.65 8.75 -22.09
CA GLN B 88 3.77 9.75 -21.51
C GLN B 88 2.66 10.11 -22.51
N PHE B 89 3.02 10.34 -23.78
CA PHE B 89 2.00 10.70 -24.78
C PHE B 89 1.05 9.50 -25.01
N ARG B 90 1.58 8.27 -25.02
CA ARG B 90 0.78 7.07 -25.37
C ARG B 90 -0.20 6.74 -24.24
N SER B 91 0.22 6.92 -22.97
CA SER B 91 -0.62 6.73 -21.78
C SER B 91 -1.88 7.59 -21.81
N VAL B 92 -1.89 8.67 -22.60
CA VAL B 92 -3.02 9.60 -22.58
C VAL B 92 -4.29 8.84 -22.99
N GLU B 93 -4.13 7.90 -23.93
CA GLU B 93 -5.22 7.05 -24.41
C GLU B 93 -5.80 6.22 -23.25
N ALA B 94 -4.95 5.55 -22.48
CA ALA B 94 -5.37 4.74 -21.31
C ALA B 94 -6.12 5.61 -20.28
N VAL B 95 -5.56 6.78 -20.00
CA VAL B 95 -6.14 7.75 -19.07
C VAL B 95 -7.57 8.05 -19.50
N GLN B 96 -7.77 8.31 -20.80
CA GLN B 96 -9.15 8.60 -21.31
C GLN B 96 -10.05 7.37 -21.18
N GLU B 97 -9.49 6.17 -21.41
CA GLU B 97 -10.24 4.90 -21.30
C GLU B 97 -10.63 4.63 -19.85
N ILE B 98 -9.67 4.81 -18.92
CA ILE B 98 -9.95 4.62 -17.49
C ILE B 98 -11.05 5.59 -17.08
N THR B 99 -10.98 6.84 -17.58
CA THR B 99 -11.93 7.87 -17.22
C THR B 99 -13.34 7.51 -17.69
N GLU B 100 -13.49 7.00 -18.92
CA GLU B 100 -14.80 6.53 -19.42
C GLU B 100 -15.28 5.41 -18.50
N TYR B 101 -14.35 4.52 -18.14
CA TYR B 101 -14.75 3.40 -17.33
C TYR B 101 -15.26 3.90 -15.99
N ALA B 102 -14.55 4.86 -15.39
CA ALA B 102 -14.97 5.43 -14.11
C ALA B 102 -16.42 5.97 -14.17
N LYS B 103 -16.76 6.67 -15.25
CA LYS B 103 -18.10 7.24 -15.42
C LYS B 103 -19.19 6.18 -15.19
N SER B 104 -18.92 4.94 -15.56
CA SER B 104 -19.93 3.91 -15.50
C SER B 104 -20.02 3.28 -14.11
N ILE B 105 -19.23 3.76 -13.13
CA ILE B 105 -19.25 3.19 -11.77
C ILE B 105 -20.36 3.89 -11.00
N PRO B 106 -21.37 3.16 -10.51
CA PRO B 106 -22.50 3.80 -9.82
C PRO B 106 -22.04 4.71 -8.67
N GLY B 107 -22.39 5.99 -8.79
CA GLY B 107 -22.14 6.99 -7.78
C GLY B 107 -21.05 7.96 -8.18
N PHE B 108 -20.26 7.62 -9.21
CA PHE B 108 -18.98 8.28 -9.41
C PHE B 108 -19.18 9.73 -9.88
N VAL B 109 -20.03 9.94 -10.91
CA VAL B 109 -20.26 11.29 -11.53
C VAL B 109 -21.11 12.19 -10.63
N ASN B 110 -21.79 11.61 -9.62
CA ASN B 110 -22.56 12.33 -8.60
C ASN B 110 -21.63 12.97 -7.56
N LEU B 111 -20.39 12.47 -7.41
CA LEU B 111 -19.42 13.11 -6.49
C LEU B 111 -18.99 14.43 -7.12
N ASP B 112 -18.49 15.34 -6.30
CA ASP B 112 -17.99 16.60 -6.73
C ASP B 112 -16.94 16.35 -7.82
N LEU B 113 -17.03 17.12 -8.90
CA LEU B 113 -16.16 16.95 -10.04
C LEU B 113 -14.68 16.98 -9.61
N ASN B 114 -14.35 17.84 -8.66
CA ASN B 114 -12.96 18.02 -8.27
C ASN B 114 -12.42 16.72 -7.70
N ASP B 115 -13.28 16.01 -6.95
CA ASP B 115 -12.95 14.72 -6.36
C ASP B 115 -12.77 13.68 -7.48
N GLN B 116 -13.63 13.74 -8.51
CA GLN B 116 -13.59 12.80 -9.64
C GLN B 116 -12.21 12.90 -10.33
N VAL B 117 -11.77 14.14 -10.55
CA VAL B 117 -10.47 14.43 -11.15
C VAL B 117 -9.36 13.91 -10.24
N THR B 118 -9.47 14.21 -8.95
CA THR B 118 -8.48 13.86 -7.98
C THR B 118 -8.36 12.34 -7.90
N LEU B 119 -9.49 11.63 -7.95
CA LEU B 119 -9.41 10.17 -7.83
C LEU B 119 -8.69 9.55 -9.04
N LEU B 120 -8.88 10.14 -10.22
CA LEU B 120 -8.31 9.57 -11.42
C LEU B 120 -6.84 9.98 -11.57
N LYS B 121 -6.55 11.24 -11.28
CA LYS B 121 -5.21 11.82 -11.31
C LYS B 121 -4.21 10.84 -10.70
N TYR B 122 -4.58 10.25 -9.56
CA TYR B 122 -3.73 9.28 -8.85
C TYR B 122 -3.98 7.87 -9.38
N GLY B 123 -5.26 7.53 -9.55
CA GLY B 123 -5.67 6.15 -9.79
C GLY B 123 -5.19 5.59 -11.13
N VAL B 124 -5.08 6.44 -12.17
CA VAL B 124 -4.82 5.95 -13.54
C VAL B 124 -3.43 5.30 -13.62
N HIS B 125 -2.48 5.83 -12.86
CA HIS B 125 -1.15 5.31 -12.87
C HIS B 125 -1.10 3.90 -12.29
N GLU B 126 -1.86 3.64 -11.22
CA GLU B 126 -1.87 2.32 -10.62
C GLU B 126 -2.58 1.34 -11.54
N ILE B 127 -3.60 1.83 -12.24
CA ILE B 127 -4.37 1.00 -13.17
C ILE B 127 -3.54 0.70 -14.44
N ILE B 128 -2.77 1.66 -14.93
CA ILE B 128 -1.98 1.39 -16.11
C ILE B 128 -1.02 0.23 -15.79
N TYR B 129 -0.45 0.24 -14.59
CA TYR B 129 0.43 -0.82 -14.20
C TYR B 129 -0.33 -2.15 -14.08
N THR B 130 -1.58 -2.11 -13.58
CA THR B 130 -2.40 -3.30 -13.44
C THR B 130 -2.59 -3.99 -14.80
N MET B 131 -2.91 -3.18 -15.80
CA MET B 131 -3.21 -3.69 -17.13
C MET B 131 -1.92 -3.93 -17.94
N LEU B 132 -0.85 -3.20 -17.66
CA LEU B 132 0.48 -3.56 -18.21
C LEU B 132 0.78 -5.03 -17.89
N ALA B 133 0.53 -5.47 -16.65
CA ALA B 133 0.80 -6.87 -16.22
C ALA B 133 0.07 -7.89 -17.11
N SER B 134 -1.13 -7.58 -17.58
CA SER B 134 -1.90 -8.46 -18.48
C SER B 134 -1.14 -8.70 -19.78
N LEU B 135 -0.28 -7.75 -20.15
CA LEU B 135 0.47 -7.74 -21.39
C LEU B 135 1.83 -8.43 -21.18
N MET B 136 2.12 -8.89 -19.96
CA MET B 136 3.46 -9.39 -19.61
C MET B 136 3.38 -10.87 -19.24
N ASN B 137 4.42 -11.62 -19.64
CA ASN B 137 4.76 -12.89 -19.03
C ASN B 137 6.21 -12.77 -18.55
N LYS B 138 6.80 -13.87 -18.07
CA LYS B 138 8.13 -13.81 -17.47
C LYS B 138 9.21 -13.60 -18.54
N ASP B 139 8.88 -13.71 -19.84
CA ASP B 139 9.89 -13.60 -20.91
C ASP B 139 9.82 -12.25 -21.64
N GLY B 140 8.67 -11.54 -21.53
CA GLY B 140 8.55 -10.25 -22.19
C GLY B 140 7.16 -9.63 -22.08
N VAL B 141 6.96 -8.61 -22.93
CA VAL B 141 5.81 -7.75 -22.87
C VAL B 141 5.33 -7.41 -24.29
N LEU B 142 4.00 -7.43 -24.47
CA LEU B 142 3.35 -6.98 -25.69
C LEU B 142 3.39 -5.45 -25.80
N ILE B 143 3.70 -5.00 -27.03
CA ILE B 143 3.80 -3.61 -27.45
C ILE B 143 3.02 -3.47 -28.76
N SER B 144 2.84 -2.23 -29.22
CA SER B 144 2.05 -1.91 -30.42
C SER B 144 0.71 -2.65 -30.37
N GLU B 145 0.01 -2.51 -29.25
CA GLU B 145 -1.37 -2.93 -29.12
C GLU B 145 -1.49 -4.41 -29.48
N GLY B 146 -0.44 -5.17 -29.17
CA GLY B 146 -0.44 -6.61 -29.33
C GLY B 146 0.31 -7.10 -30.57
N GLN B 147 0.77 -6.19 -31.44
CA GLN B 147 1.42 -6.60 -32.72
C GLN B 147 2.88 -6.99 -32.49
N GLY B 148 3.45 -6.49 -31.39
CA GLY B 148 4.86 -6.72 -31.05
C GLY B 148 5.02 -7.34 -29.67
N PHE B 149 6.19 -7.95 -29.47
CA PHE B 149 6.58 -8.53 -28.23
C PHE B 149 8.04 -8.14 -27.98
N MET B 150 8.29 -7.46 -26.86
CA MET B 150 9.65 -7.08 -26.48
C MET B 150 10.11 -7.98 -25.33
N THR B 151 11.25 -8.65 -25.49
CA THR B 151 11.69 -9.57 -24.45
C THR B 151 12.12 -8.78 -23.20
N ARG B 152 11.97 -9.44 -22.05
CA ARG B 152 12.46 -8.97 -20.76
C ARG B 152 14.00 -8.90 -20.77
N GLU B 153 14.62 -9.90 -21.39
CA GLU B 153 16.07 -10.00 -21.46
C GLU B 153 16.65 -8.84 -22.30
N PHE B 154 15.99 -8.50 -23.41
CA PHE B 154 16.40 -7.33 -24.19
C PHE B 154 16.39 -6.06 -23.31
N LEU B 155 15.34 -5.88 -22.51
CA LEU B 155 15.20 -4.72 -21.60
C LEU B 155 16.29 -4.71 -20.51
N LYS B 156 16.64 -5.84 -19.90
CA LYS B 156 17.72 -5.73 -18.87
C LYS B 156 19.10 -5.73 -19.56
N SER B 157 19.16 -5.79 -20.89
CA SER B 157 20.40 -5.76 -21.69
C SER B 157 20.87 -4.32 -21.89
N LEU B 158 19.96 -3.35 -21.73
CA LEU B 158 20.34 -1.95 -21.84
C LEU B 158 21.39 -1.65 -20.76
N ARG B 159 22.29 -0.70 -21.06
CA ARG B 159 23.34 -0.37 -20.11
C ARG B 159 22.70 0.37 -18.92
N LYS B 160 23.38 0.29 -17.78
CA LYS B 160 22.96 0.91 -16.53
C LYS B 160 22.77 2.42 -16.75
N PRO B 161 21.76 3.01 -16.10
CA PRO B 161 20.75 2.35 -15.27
C PRO B 161 19.48 1.88 -16.00
N PHE B 162 19.46 2.05 -17.34
CA PHE B 162 18.27 1.86 -18.20
C PHE B 162 17.78 0.42 -18.16
N GLY B 163 18.70 -0.54 -17.97
CA GLY B 163 18.40 -1.97 -17.90
C GLY B 163 17.63 -2.39 -16.64
N ASP B 164 17.39 -1.44 -15.72
CA ASP B 164 16.73 -1.72 -14.43
C ASP B 164 15.32 -1.11 -14.38
N PHE B 165 14.95 -0.30 -15.38
CA PHE B 165 13.73 0.46 -15.30
C PHE B 165 12.51 -0.46 -15.36
N MET B 166 12.57 -1.54 -16.15
CA MET B 166 11.41 -2.37 -16.41
C MET B 166 11.42 -3.61 -15.50
N GLU B 167 12.60 -4.04 -15.04
CA GLU B 167 12.71 -5.34 -14.36
C GLU B 167 11.77 -5.39 -13.15
N PRO B 168 11.64 -4.36 -12.28
CA PRO B 168 10.68 -4.42 -11.16
C PRO B 168 9.21 -4.62 -11.58
N LYS B 169 8.83 -4.13 -12.76
CA LYS B 169 7.45 -4.24 -13.24
C LYS B 169 7.14 -5.68 -13.67
N PHE B 170 8.12 -6.36 -14.29
CA PHE B 170 8.06 -7.79 -14.58
C PHE B 170 7.98 -8.61 -13.29
N GLU B 171 8.78 -8.23 -12.28
CA GLU B 171 8.77 -8.96 -10.98
C GLU B 171 7.34 -8.89 -10.41
N PHE B 172 6.78 -7.67 -10.37
CA PHE B 172 5.40 -7.48 -9.91
C PHE B 172 4.44 -8.29 -10.80
N ALA B 173 4.57 -8.18 -12.14
CA ALA B 173 3.52 -8.72 -13.07
C ALA B 173 3.46 -10.24 -12.97
N VAL B 174 4.62 -10.88 -12.85
CA VAL B 174 4.68 -12.32 -12.77
C VAL B 174 3.98 -12.81 -11.50
N LYS B 175 4.14 -12.10 -10.37
CA LYS B 175 3.50 -12.52 -9.11
C LYS B 175 2.00 -12.21 -9.18
N PHE B 176 1.66 -11.03 -9.70
CA PHE B 176 0.28 -10.62 -9.87
C PHE B 176 -0.47 -11.59 -10.78
N ASN B 177 0.15 -11.95 -11.90
CA ASN B 177 -0.44 -12.81 -12.94
C ASN B 177 -0.66 -14.23 -12.40
N ALA B 178 0.14 -14.65 -11.42
CA ALA B 178 -0.01 -15.98 -10.81
C ALA B 178 -1.29 -16.08 -9.95
N LEU B 179 -1.96 -14.97 -9.66
CA LEU B 179 -3.30 -14.99 -9.02
C LEU B 179 -4.39 -15.39 -10.03
N GLU B 180 -4.03 -15.41 -11.32
CA GLU B 180 -4.89 -15.82 -12.43
C GLU B 180 -6.23 -15.08 -12.39
N LEU B 181 -6.22 -13.76 -12.16
CA LEU B 181 -7.39 -12.93 -12.36
C LEU B 181 -7.77 -12.90 -13.85
N ASP B 182 -9.08 -12.80 -14.10
CA ASP B 182 -9.59 -12.60 -15.44
C ASP B 182 -10.19 -11.20 -15.49
N ASP B 183 -10.70 -10.83 -16.68
CA ASP B 183 -11.21 -9.52 -16.97
C ASP B 183 -12.35 -9.15 -16.02
N SER B 184 -13.16 -10.14 -15.63
CA SER B 184 -14.29 -9.85 -14.76
C SER B 184 -13.80 -9.51 -13.35
N ASP B 185 -12.74 -10.20 -12.91
CA ASP B 185 -12.09 -9.88 -11.63
C ASP B 185 -11.53 -8.46 -11.69
N LEU B 186 -10.80 -8.17 -12.78
CA LEU B 186 -10.02 -6.94 -12.90
C LEU B 186 -10.93 -5.71 -12.97
N ALA B 187 -12.09 -5.89 -13.60
CA ALA B 187 -13.04 -4.81 -13.72
C ALA B 187 -13.45 -4.34 -12.31
N ILE B 188 -13.66 -5.27 -11.37
CA ILE B 188 -14.05 -4.83 -10.01
C ILE B 188 -12.83 -4.29 -9.26
N PHE B 189 -11.67 -4.91 -9.46
CA PHE B 189 -10.44 -4.51 -8.79
C PHE B 189 -10.11 -3.06 -9.13
N ILE B 190 -10.22 -2.74 -10.41
CA ILE B 190 -9.85 -1.43 -10.93
C ILE B 190 -10.80 -0.37 -10.36
N ALA B 191 -12.10 -0.68 -10.36
CA ALA B 191 -13.08 0.22 -9.76
C ALA B 191 -12.70 0.49 -8.29
N VAL B 192 -12.32 -0.56 -7.55
CA VAL B 192 -11.93 -0.42 -6.15
C VAL B 192 -10.74 0.56 -6.06
N ILE B 193 -9.76 0.41 -6.96
CA ILE B 193 -8.60 1.30 -6.90
C ILE B 193 -9.09 2.73 -7.06
N ILE B 194 -10.02 2.96 -7.99
CA ILE B 194 -10.39 4.35 -8.36
C ILE B 194 -11.05 5.06 -7.16
N LEU B 195 -11.91 4.35 -6.41
CA LEU B 195 -12.62 4.91 -5.23
C LEU B 195 -11.88 4.69 -3.91
N SER B 196 -10.72 5.35 -3.83
CA SER B 196 -9.78 5.28 -2.72
C SER B 196 -9.91 6.58 -1.93
N GLY B 197 -10.52 6.48 -0.74
CA GLY B 197 -10.75 7.61 0.14
C GLY B 197 -9.49 8.38 0.54
N ASP B 198 -8.30 7.76 0.46
CA ASP B 198 -7.07 8.34 1.08
C ASP B 198 -6.33 9.28 0.12
N ARG B 199 -6.83 9.51 -1.09
CA ARG B 199 -6.06 10.32 -2.02
C ARG B 199 -5.89 11.73 -1.44
N PRO B 200 -4.68 12.32 -1.54
CA PRO B 200 -4.48 13.75 -1.27
C PRO B 200 -5.44 14.75 -1.93
N GLY B 201 -5.98 15.69 -1.13
CA GLY B 201 -6.72 16.86 -1.62
C GLY B 201 -8.18 16.56 -1.92
N LEU B 202 -8.69 15.47 -1.34
CA LEU B 202 -10.07 14.99 -1.54
C LEU B 202 -10.99 15.81 -0.60
N LEU B 203 -12.10 16.35 -1.13
CA LEU B 203 -13.01 17.20 -0.35
C LEU B 203 -13.93 16.34 0.52
N ASN B 204 -14.63 15.38 -0.10
CA ASN B 204 -15.77 14.69 0.51
C ASN B 204 -15.53 13.19 0.49
N VAL B 205 -14.85 12.71 1.54
CA VAL B 205 -14.32 11.38 1.66
C VAL B 205 -15.47 10.39 1.85
N LYS B 206 -16.45 10.74 2.68
CA LYS B 206 -17.45 9.75 3.09
C LYS B 206 -18.18 9.14 1.88
N PRO B 207 -18.69 9.92 0.88
CA PRO B 207 -19.38 9.30 -0.24
C PRO B 207 -18.47 8.39 -1.10
N ILE B 208 -17.18 8.75 -1.21
CA ILE B 208 -16.20 7.90 -1.88
C ILE B 208 -16.13 6.54 -1.16
N GLU B 209 -15.96 6.58 0.17
CA GLU B 209 -15.87 5.36 0.97
C GLU B 209 -17.14 4.53 0.78
N ASP B 210 -18.30 5.18 0.69
CA ASP B 210 -19.57 4.45 0.62
C ASP B 210 -19.56 3.60 -0.66
N ILE B 211 -19.11 4.19 -1.77
CA ILE B 211 -19.07 3.47 -3.05
C ILE B 211 -18.03 2.35 -2.98
N GLN B 212 -16.83 2.65 -2.44
CA GLN B 212 -15.76 1.61 -2.39
C GLN B 212 -16.21 0.36 -1.62
N ASP B 213 -16.91 0.57 -0.49
CA ASP B 213 -17.33 -0.51 0.39
C ASP B 213 -18.22 -1.44 -0.42
N ASN B 214 -19.07 -0.82 -1.22
CA ASN B 214 -19.98 -1.56 -2.07
C ASN B 214 -19.18 -2.34 -3.13
N LEU B 215 -18.18 -1.70 -3.73
CA LEU B 215 -17.30 -2.39 -4.68
C LEU B 215 -16.54 -3.53 -4.01
N LEU B 216 -16.07 -3.32 -2.76
CA LEU B 216 -15.30 -4.38 -2.01
C LEU B 216 -16.15 -5.61 -1.76
N GLN B 217 -17.42 -5.41 -1.41
CA GLN B 217 -18.32 -6.56 -1.23
C GLN B 217 -18.53 -7.27 -2.57
N ALA B 218 -18.66 -6.49 -3.66
CA ALA B 218 -18.80 -7.09 -5.00
C ALA B 218 -17.50 -7.82 -5.35
N LEU B 219 -16.35 -7.18 -5.11
CA LEU B 219 -15.07 -7.87 -5.40
C LEU B 219 -14.98 -9.20 -4.61
N GLU B 220 -15.27 -9.15 -3.32
CA GLU B 220 -15.15 -10.31 -2.42
C GLU B 220 -16.01 -11.46 -2.95
N LEU B 221 -17.27 -11.16 -3.27
CA LEU B 221 -18.18 -12.21 -3.77
C LEU B 221 -17.70 -12.74 -5.14
N GLN B 222 -17.26 -11.81 -6.00
CA GLN B 222 -16.75 -12.18 -7.34
C GLN B 222 -15.63 -13.21 -7.18
N LEU B 223 -14.72 -12.94 -6.23
CA LEU B 223 -13.49 -13.77 -6.03
C LEU B 223 -13.84 -15.13 -5.41
N LYS B 224 -14.84 -15.18 -4.51
CA LYS B 224 -15.22 -16.46 -3.93
C LYS B 224 -15.82 -17.39 -5.01
N LEU B 225 -16.64 -16.82 -5.90
CA LEU B 225 -17.34 -17.61 -6.94
C LEU B 225 -16.38 -17.97 -8.09
N ASN B 226 -15.56 -17.02 -8.51
CA ASN B 226 -14.72 -17.19 -9.68
C ASN B 226 -13.45 -17.98 -9.31
N HIS B 227 -13.01 -17.89 -8.05
CA HIS B 227 -11.77 -18.58 -7.58
C HIS B 227 -12.05 -19.29 -6.25
N PRO B 228 -12.89 -20.35 -6.25
CA PRO B 228 -13.34 -20.97 -5.00
C PRO B 228 -12.20 -21.66 -4.23
N GLU B 229 -11.18 -22.16 -4.96
CA GLU B 229 -10.05 -22.87 -4.34
C GLU B 229 -8.93 -21.92 -3.91
N SER B 230 -9.12 -20.59 -4.03
CA SER B 230 -7.99 -19.64 -3.99
C SER B 230 -7.99 -18.89 -2.65
N SER B 231 -7.11 -19.35 -1.76
CA SER B 231 -7.19 -19.00 -0.34
C SER B 231 -6.73 -17.56 -0.12
N GLN B 232 -7.59 -16.77 0.55
CA GLN B 232 -7.30 -15.41 0.98
C GLN B 232 -6.95 -14.52 -0.23
N LEU B 233 -7.56 -14.84 -1.38
CA LEU B 233 -7.26 -14.14 -2.61
C LEU B 233 -7.59 -12.65 -2.42
N PHE B 234 -8.77 -12.41 -1.84
CA PHE B 234 -9.28 -11.05 -1.59
C PHE B 234 -8.18 -10.23 -0.89
N ALA B 235 -7.64 -10.76 0.21
CA ALA B 235 -6.64 -10.07 1.02
C ALA B 235 -5.35 -9.90 0.24
N LYS B 236 -4.97 -10.88 -0.57
CA LYS B 236 -3.78 -10.82 -1.37
C LYS B 236 -3.94 -9.66 -2.35
N LEU B 237 -5.13 -9.57 -2.94
CA LEU B 237 -5.41 -8.57 -3.95
C LEU B 237 -5.31 -7.19 -3.33
N LEU B 238 -5.90 -7.00 -2.16
CA LEU B 238 -5.84 -5.72 -1.50
C LEU B 238 -4.37 -5.36 -1.20
N GLN B 239 -3.54 -6.36 -0.96
CA GLN B 239 -2.13 -6.07 -0.64
C GLN B 239 -1.40 -5.64 -1.91
N LYS B 240 -1.77 -6.22 -3.06
CA LYS B 240 -1.23 -5.80 -4.35
C LYS B 240 -1.43 -4.30 -4.58
N MET B 241 -2.54 -3.75 -4.10
CA MET B 241 -2.74 -2.29 -4.24
C MET B 241 -1.62 -1.49 -3.55
N THR B 242 -1.11 -1.97 -2.41
CA THR B 242 0.04 -1.30 -1.77
C THR B 242 1.24 -1.34 -2.73
N ASP B 243 1.42 -2.47 -3.43
CA ASP B 243 2.55 -2.73 -4.34
C ASP B 243 2.46 -1.81 -5.56
N LEU B 244 1.24 -1.67 -6.11
CA LEU B 244 0.98 -0.75 -7.22
C LEU B 244 1.36 0.67 -6.81
N ARG B 245 0.96 1.09 -5.60
CA ARG B 245 1.30 2.44 -5.16
C ARG B 245 2.82 2.64 -5.05
N GLN B 246 3.54 1.65 -4.53
CA GLN B 246 4.99 1.78 -4.35
C GLN B 246 5.69 1.86 -5.71
N ILE B 247 5.16 1.21 -6.75
CA ILE B 247 5.83 1.28 -8.05
C ILE B 247 5.70 2.70 -8.62
N VAL B 248 4.53 3.30 -8.42
CA VAL B 248 4.29 4.68 -8.84
C VAL B 248 5.20 5.66 -8.07
N THR B 249 5.19 5.56 -6.73
CA THR B 249 6.07 6.37 -5.92
C THR B 249 7.53 6.24 -6.37
N GLU B 250 8.00 5.01 -6.62
CA GLU B 250 9.41 4.73 -6.97
C GLU B 250 9.78 5.37 -8.31
N HIS B 251 8.79 5.54 -9.19
CA HIS B 251 9.00 6.21 -10.47
C HIS B 251 9.46 7.64 -10.22
N VAL B 252 8.75 8.33 -9.33
CA VAL B 252 8.98 9.74 -8.97
C VAL B 252 10.45 9.95 -8.55
N GLN B 253 11.01 9.05 -7.73
CA GLN B 253 12.43 9.12 -7.38
C GLN B 253 13.24 8.13 -8.22
N LEU B 254 12.78 7.89 -9.46
CA LEU B 254 13.62 7.44 -10.56
C LEU B 254 13.88 8.65 -11.47
N LEU B 255 13.03 9.69 -11.37
CA LEU B 255 13.18 10.93 -12.15
C LEU B 255 14.24 11.83 -11.52
N GLN B 256 14.52 11.62 -10.22
CA GLN B 256 15.59 12.33 -9.51
C GLN B 256 16.94 11.66 -9.82
N VAL B 257 16.99 10.32 -9.71
CA VAL B 257 18.19 9.53 -10.10
C VAL B 257 18.61 9.87 -11.53
N ILE B 258 17.63 10.09 -12.43
CA ILE B 258 17.87 10.36 -13.85
C ILE B 258 18.80 11.57 -13.99
N LYS B 259 18.36 12.72 -13.45
CA LYS B 259 18.99 14.05 -13.66
C LYS B 259 20.51 14.02 -13.38
N LYS B 260 20.98 13.07 -12.55
CA LYS B 260 22.43 12.88 -12.32
C LYS B 260 22.71 11.39 -12.14
N LEU B 267 22.18 7.35 -27.83
CA LEU B 267 21.38 6.18 -27.46
C LEU B 267 19.91 6.58 -27.26
N HIS B 268 19.69 7.89 -27.05
CA HIS B 268 18.50 8.44 -26.36
C HIS B 268 17.28 8.56 -27.28
N PRO B 269 17.42 8.80 -28.60
CA PRO B 269 16.32 8.60 -29.55
C PRO B 269 15.78 7.15 -29.58
N LEU B 270 16.71 6.21 -29.45
CA LEU B 270 16.50 4.75 -29.43
C LEU B 270 15.69 4.36 -28.17
N LEU B 271 16.22 4.72 -27.00
CA LEU B 271 15.59 4.55 -25.69
C LEU B 271 14.12 5.01 -25.70
N GLN B 272 13.89 6.19 -26.28
CA GLN B 272 12.59 6.83 -26.32
C GLN B 272 11.56 5.88 -26.94
N GLU B 273 12.00 5.19 -28.00
CA GLU B 273 11.17 4.30 -28.79
C GLU B 273 10.97 2.97 -28.06
N ILE B 274 12.10 2.46 -27.54
CA ILE B 274 12.12 1.24 -26.77
C ILE B 274 11.07 1.33 -25.64
N TYR B 275 10.93 2.52 -25.01
CA TYR B 275 10.12 2.69 -23.79
C TYR B 275 8.70 3.18 -24.11
N LYS B 276 8.41 3.45 -25.38
CA LYS B 276 7.25 4.25 -25.68
C LYS B 276 5.97 3.50 -25.28
N ASP B 277 5.94 2.18 -25.44
CA ASP B 277 4.74 1.37 -25.12
C ASP B 277 4.83 0.76 -23.70
N LEU B 278 5.76 1.22 -22.87
CA LEU B 278 5.89 0.70 -21.55
C LEU B 278 5.44 1.81 -20.59
N TYR B 279 5.80 1.65 -19.31
CA TYR B 279 5.40 2.56 -18.21
C TYR B 279 6.23 2.21 -16.98
N ASN C 5 19.39 1.02 7.58
CA ASN C 5 20.82 0.58 7.44
C ASN C 5 21.18 -0.35 8.61
N MET C 6 22.49 -0.45 8.91
CA MET C 6 23.06 -1.62 9.56
C MET C 6 22.85 -1.54 11.09
N GLY C 7 22.64 -0.34 11.61
CA GLY C 7 22.30 -0.15 13.02
C GLY C 7 21.09 -0.98 13.42
N LEU C 8 19.97 -0.72 12.75
CA LEU C 8 18.69 -1.36 13.03
C LEU C 8 18.82 -2.87 12.79
N GLU C 9 19.48 -3.23 11.68
CA GLU C 9 19.74 -4.63 11.34
C GLU C 9 20.41 -5.32 12.53
N ALA C 10 21.46 -4.66 13.08
CA ALA C 10 22.29 -5.25 14.12
C ALA C 10 21.45 -5.42 15.39
N ILE C 11 20.69 -4.38 15.76
CA ILE C 11 19.85 -4.48 16.93
C ILE C 11 18.86 -5.63 16.73
N ILE C 12 18.34 -5.77 15.51
CA ILE C 12 17.39 -6.87 15.27
C ILE C 12 18.13 -8.22 15.36
N ARG C 13 19.33 -8.37 14.76
CA ARG C 13 20.07 -9.66 14.87
C ARG C 13 20.35 -9.98 16.36
N LYS C 14 20.91 -9.02 17.10
CA LYS C 14 21.11 -9.17 18.54
C LYS C 14 19.83 -9.68 19.19
N ALA C 15 18.71 -9.02 18.87
CA ALA C 15 17.44 -9.30 19.53
C ALA C 15 17.00 -10.75 19.22
N LEU C 16 17.22 -11.18 17.97
CA LEU C 16 16.79 -12.50 17.48
C LEU C 16 17.55 -13.64 18.16
N MET C 17 18.84 -13.44 18.50
CA MET C 17 19.66 -14.51 19.09
C MET C 17 19.18 -14.87 20.50
N GLY D 7 -0.44 18.00 -18.37
CA GLY D 7 -1.73 18.39 -17.78
C GLY D 7 -2.70 17.25 -17.96
N LEU D 8 -2.39 16.16 -17.24
CA LEU D 8 -3.22 14.97 -17.17
C LEU D 8 -4.57 15.34 -16.55
N GLU D 9 -4.55 16.23 -15.55
CA GLU D 9 -5.78 16.79 -14.96
C GLU D 9 -6.64 17.44 -16.04
N ALA D 10 -6.00 18.19 -16.94
CA ALA D 10 -6.71 18.85 -18.02
C ALA D 10 -7.43 17.82 -18.90
N ILE D 11 -6.71 16.76 -19.31
CA ILE D 11 -7.26 15.67 -20.13
C ILE D 11 -8.44 14.98 -19.41
N ILE D 12 -8.24 14.62 -18.14
CA ILE D 12 -9.21 13.87 -17.36
C ILE D 12 -10.51 14.70 -17.23
N ARG D 13 -10.34 15.97 -16.87
CA ARG D 13 -11.43 16.93 -16.70
C ARG D 13 -12.21 17.08 -18.02
N LYS D 14 -11.50 17.22 -19.15
CA LYS D 14 -12.15 17.25 -20.48
C LYS D 14 -12.98 15.99 -20.71
N ALA D 15 -12.42 14.82 -20.42
CA ALA D 15 -13.11 13.55 -20.68
C ALA D 15 -14.33 13.39 -19.75
N LEU D 16 -14.28 13.94 -18.53
CA LEU D 16 -15.42 13.85 -17.61
C LEU D 16 -16.60 14.70 -18.12
N MET D 17 -16.33 15.93 -18.58
CA MET D 17 -17.39 16.87 -19.02
C MET D 17 -18.09 16.33 -20.28
N GLY D 18 -19.39 16.62 -20.41
CA GLY D 18 -20.20 16.24 -21.59
C GLY D 18 -20.01 17.21 -22.75
#